data_3HCB
#
_entry.id   3HCB
#
_cell.length_a   94.210
_cell.length_b   94.210
_cell.length_c   187.900
_cell.angle_alpha   90.000
_cell.angle_beta   90.000
_cell.angle_gamma   90.000
#
_symmetry.space_group_name_H-M   'P 43 21 2'
#
loop_
_entity.id
_entity.type
_entity.pdbx_description
1 polymer 'Phenylethanolamine N-methyltransferase'
2 non-polymer S-ADENOSYL-L-HOMOCYSTEINE
3 non-polymer (3S)-3-hydroxy-2,3-dihydro-1H-indole-5,6-dione
4 water water
#
_entity_poly.entity_id   1
_entity_poly.type   'polypeptide(L)'
_entity_poly.pdbx_seq_one_letter_code
;MSGADRSPNAGAAPDSAPGQAAVASAYQRFEPRAYLRNNYAPPRGDLCNPNGVGPWKLRCLAQTFATGEVSGRTLIDIGS
GPTVYQLLSACSHFEDITMTDFLEVNRQELGRWLQEEPGAFNWSMYSQHACLIEGKGECWQDKERQLRARVKRVLPIDVH
QPQPLGAGSPAPLPADALVSAFCLEAVSPDLASFQRALDHITTLLRPGGHLLLIGALEESWYLAGEARLTVVPVSEEEVR
EALVRSGYKVRDLRTYIMPAHLQTGVDDVKGVFFAWAQKVGLEHHHHHH
;
_entity_poly.pdbx_strand_id   A,B
#
# COMPACT_ATOMS: atom_id res chain seq x y z
N ALA A 24 -18.25 6.57 -33.99
CA ALA A 24 -17.95 5.50 -34.95
C ALA A 24 -16.49 5.56 -35.40
N SER A 25 -16.24 6.19 -36.55
CA SER A 25 -14.89 6.30 -37.09
C SER A 25 -14.05 7.33 -36.33
N ALA A 26 -14.66 7.95 -35.32
CA ALA A 26 -13.93 8.88 -34.46
C ALA A 26 -12.92 8.12 -33.59
N TYR A 27 -13.26 6.88 -33.25
CA TYR A 27 -12.41 6.06 -32.39
C TYR A 27 -11.13 5.65 -33.07
N GLN A 28 -10.94 6.12 -34.29
CA GLN A 28 -9.75 5.76 -35.06
C GLN A 28 -8.59 6.67 -34.71
N ARG A 29 -8.89 7.82 -34.12
CA ARG A 29 -7.86 8.76 -33.71
C ARG A 29 -7.61 8.66 -32.19
N PHE A 30 -8.42 7.85 -31.52
CA PHE A 30 -8.34 7.59 -30.09
C PHE A 30 -6.92 7.22 -29.61
N GLU A 31 -6.32 8.08 -28.81
CA GLU A 31 -4.98 7.86 -28.26
C GLU A 31 -5.03 7.31 -26.82
N PRO A 32 -4.67 6.02 -26.65
CA PRO A 32 -4.71 5.34 -25.35
C PRO A 32 -3.97 6.10 -24.24
N ARG A 33 -2.76 6.56 -24.52
CA ARG A 33 -1.98 7.32 -23.54
C ARG A 33 -2.71 8.58 -23.11
N ALA A 34 -3.17 9.35 -24.08
CA ALA A 34 -3.88 10.59 -23.79
C ALA A 34 -5.12 10.31 -22.94
N TYR A 35 -5.82 9.23 -23.25
CA TYR A 35 -7.00 8.86 -22.51
C TYR A 35 -6.65 8.50 -21.06
N LEU A 36 -5.63 7.66 -20.87
CA LEU A 36 -5.12 7.32 -19.56
C LEU A 36 -4.76 8.59 -18.78
N ARG A 37 -3.98 9.44 -19.42
CA ARG A 37 -3.60 10.73 -18.87
C ARG A 37 -4.81 11.57 -18.41
N ASN A 38 -5.85 11.61 -19.25
CA ASN A 38 -7.02 12.43 -18.97
C ASN A 38 -7.88 11.93 -17.82
N ASN A 39 -7.87 10.62 -17.58
CA ASN A 39 -8.81 10.03 -16.64
C ASN A 39 -8.20 9.26 -15.48
N TYR A 40 -6.93 8.89 -15.60
CA TYR A 40 -6.32 8.00 -14.61
C TYR A 40 -5.03 8.53 -14.00
N ALA A 41 -4.60 9.71 -14.47
CA ALA A 41 -3.55 10.48 -13.84
C ALA A 41 -4.22 11.64 -13.10
N PRO A 42 -3.48 12.30 -12.18
CA PRO A 42 -4.03 13.39 -11.37
C PRO A 42 -4.62 14.50 -12.23
N PRO A 43 -5.72 15.14 -11.77
CA PRO A 43 -6.41 15.00 -10.49
C PRO A 43 -7.41 13.84 -10.39
N ARG A 44 -7.89 13.33 -11.51
CA ARG A 44 -8.91 12.28 -11.48
C ARG A 44 -8.33 10.97 -11.02
N GLY A 45 -7.03 10.81 -11.21
CA GLY A 45 -6.33 9.60 -10.82
C GLY A 45 -5.67 9.70 -9.46
N ASP A 46 -5.95 10.76 -8.71
CA ASP A 46 -5.42 10.87 -7.35
CA ASP A 46 -5.43 10.89 -7.35
C ASP A 46 -6.27 10.06 -6.39
N LEU A 47 -5.76 8.90 -6.02
CA LEU A 47 -6.52 8.02 -5.14
C LEU A 47 -6.42 8.43 -3.67
N CYS A 48 -5.63 9.46 -3.38
CA CYS A 48 -5.41 9.85 -1.98
C CYS A 48 -6.65 10.42 -1.30
N ASN A 49 -7.39 11.26 -2.01
CA ASN A 49 -8.63 11.80 -1.46
C ASN A 49 -9.79 10.83 -1.64
N PRO A 50 -10.39 10.38 -0.52
CA PRO A 50 -11.44 9.36 -0.57
C PRO A 50 -12.72 9.88 -1.22
N ASN A 51 -12.81 11.20 -1.40
CA ASN A 51 -13.97 11.82 -2.01
C ASN A 51 -13.90 11.90 -3.53
N GLY A 52 -12.86 11.31 -4.11
CA GLY A 52 -12.67 11.36 -5.55
C GLY A 52 -13.33 10.19 -6.26
N VAL A 53 -13.37 10.26 -7.59
CA VAL A 53 -14.05 9.26 -8.39
C VAL A 53 -13.32 7.93 -8.40
N GLY A 54 -11.99 7.98 -8.44
CA GLY A 54 -11.19 6.76 -8.43
C GLY A 54 -11.53 5.87 -7.25
N PRO A 55 -11.44 6.41 -6.03
CA PRO A 55 -11.80 5.66 -4.82
C PRO A 55 -13.26 5.19 -4.82
N TRP A 56 -14.18 6.06 -5.22
CA TRP A 56 -15.59 5.68 -5.33
C TRP A 56 -15.78 4.46 -6.24
N LYS A 57 -15.18 4.51 -7.43
CA LYS A 57 -15.29 3.40 -8.37
C LYS A 57 -14.76 2.09 -7.78
N LEU A 58 -13.55 2.11 -7.24
CA LEU A 58 -12.93 0.92 -6.65
C LEU A 58 -13.77 0.40 -5.48
N ARG A 59 -14.37 1.32 -4.75
CA ARG A 59 -15.21 0.98 -3.61
C ARG A 59 -16.48 0.21 -4.04
N CYS A 60 -17.18 0.69 -5.06
CA CYS A 60 -18.36 -0.01 -5.56
C CYS A 60 -17.98 -1.40 -6.00
N LEU A 61 -16.90 -1.48 -6.74
CA LEU A 61 -16.41 -2.76 -7.22
C LEU A 61 -16.09 -3.67 -6.03
N ALA A 62 -15.22 -3.21 -5.15
CA ALA A 62 -14.79 -4.00 -4.00
C ALA A 62 -15.97 -4.46 -3.12
N GLN A 63 -16.83 -3.52 -2.77
CA GLN A 63 -17.98 -3.83 -1.92
C GLN A 63 -18.91 -4.86 -2.52
N THR A 64 -19.08 -4.81 -3.83
CA THR A 64 -20.00 -5.71 -4.52
C THR A 64 -19.50 -7.15 -4.46
N PHE A 65 -18.26 -7.37 -4.89
CA PHE A 65 -17.65 -8.69 -4.85
C PHE A 65 -17.53 -9.21 -3.42
N ALA A 66 -17.36 -8.30 -2.46
CA ALA A 66 -17.19 -8.68 -1.06
C ALA A 66 -18.45 -9.33 -0.48
N THR A 67 -19.59 -9.09 -1.12
CA THR A 67 -20.86 -9.70 -0.71
C THR A 67 -20.82 -11.21 -0.91
N GLY A 68 -19.92 -11.65 -1.78
CA GLY A 68 -19.79 -13.06 -2.09
C GLY A 68 -20.88 -13.61 -3.00
N GLU A 69 -21.61 -12.72 -3.66
CA GLU A 69 -22.72 -13.15 -4.49
C GLU A 69 -22.42 -13.11 -5.99
N VAL A 70 -21.31 -12.49 -6.34
CA VAL A 70 -20.85 -12.46 -7.73
C VAL A 70 -19.72 -13.45 -7.92
N SER A 71 -20.08 -14.69 -8.27
CA SER A 71 -19.11 -15.79 -8.28
C SER A 71 -19.25 -16.70 -9.49
N GLY A 72 -18.13 -17.33 -9.88
CA GLY A 72 -18.14 -18.23 -11.02
C GLY A 72 -16.75 -18.56 -11.52
N ARG A 73 -16.69 -19.16 -12.70
CA ARG A 73 -15.41 -19.59 -13.26
C ARG A 73 -14.91 -18.64 -14.34
N THR A 74 -15.84 -18.12 -15.14
CA THR A 74 -15.47 -17.21 -16.21
C THR A 74 -16.11 -15.83 -16.09
N LEU A 75 -15.40 -14.84 -16.62
CA LEU A 75 -15.85 -13.46 -16.58
C LEU A 75 -15.27 -12.73 -17.78
N ILE A 76 -16.06 -11.83 -18.37
CA ILE A 76 -15.60 -11.06 -19.51
C ILE A 76 -15.71 -9.55 -19.23
N ASP A 77 -14.67 -8.82 -19.63
CA ASP A 77 -14.64 -7.38 -19.47
C ASP A 77 -14.93 -6.75 -20.83
N ILE A 78 -16.03 -5.99 -20.91
CA ILE A 78 -16.50 -5.44 -22.19
C ILE A 78 -15.94 -4.05 -22.45
N GLY A 79 -15.11 -3.92 -23.48
CA GLY A 79 -14.56 -2.63 -23.84
C GLY A 79 -13.58 -2.12 -22.79
N SER A 80 -12.63 -2.99 -22.44
CA SER A 80 -11.65 -2.73 -21.39
C SER A 80 -10.90 -1.43 -21.62
N GLY A 81 -10.74 -1.05 -22.88
CA GLY A 81 -9.87 0.06 -23.22
C GLY A 81 -8.46 -0.29 -22.81
N PRO A 82 -7.66 0.73 -22.45
CA PRO A 82 -6.30 0.47 -21.97
C PRO A 82 -6.22 0.44 -20.45
N THR A 83 -7.29 0.01 -19.79
CA THR A 83 -7.32 0.11 -18.33
C THR A 83 -7.59 -1.24 -17.67
N VAL A 84 -7.06 -1.42 -16.45
CA VAL A 84 -7.24 -2.68 -15.75
C VAL A 84 -7.85 -2.54 -14.34
N TYR A 85 -7.96 -1.31 -13.84
CA TYR A 85 -8.46 -1.10 -12.48
C TYR A 85 -9.80 -1.78 -12.26
N GLN A 86 -10.60 -1.88 -13.32
CA GLN A 86 -11.97 -2.40 -13.22
C GLN A 86 -12.02 -3.90 -12.93
N LEU A 87 -10.86 -4.56 -12.94
CA LEU A 87 -10.80 -6.00 -12.66
C LEU A 87 -10.06 -6.34 -11.36
N LEU A 88 -9.55 -5.33 -10.67
CA LEU A 88 -8.74 -5.55 -9.46
C LEU A 88 -9.44 -6.35 -8.36
N SER A 89 -10.65 -5.95 -7.98
CA SER A 89 -11.36 -6.68 -6.94
C SER A 89 -11.96 -7.94 -7.53
N ALA A 90 -12.19 -7.93 -8.83
CA ALA A 90 -12.85 -9.04 -9.50
C ALA A 90 -11.97 -10.28 -9.63
N CYS A 91 -10.69 -10.07 -9.89
CA CYS A 91 -9.80 -11.17 -10.30
C CYS A 91 -9.73 -12.34 -9.31
N SER A 92 -10.02 -12.08 -8.04
CA SER A 92 -9.90 -13.13 -7.03
C SER A 92 -11.16 -14.00 -6.94
N HIS A 93 -12.12 -13.73 -7.81
CA HIS A 93 -13.39 -14.48 -7.76
C HIS A 93 -13.67 -15.27 -9.02
N PHE A 94 -12.82 -15.08 -10.04
CA PHE A 94 -13.01 -15.78 -11.31
C PHE A 94 -11.65 -16.19 -11.85
N GLU A 95 -11.51 -17.48 -12.16
CA GLU A 95 -10.21 -18.00 -12.59
C GLU A 95 -9.92 -17.76 -14.07
N ASP A 96 -10.96 -17.59 -14.87
CA ASP A 96 -10.78 -17.30 -16.29
C ASP A 96 -11.33 -15.92 -16.63
N ILE A 97 -10.45 -15.02 -17.01
CA ILE A 97 -10.86 -13.66 -17.32
C ILE A 97 -10.51 -13.28 -18.74
N THR A 98 -11.51 -12.79 -19.46
CA THR A 98 -11.32 -12.32 -20.82
C THR A 98 -11.47 -10.81 -20.87
N MET A 99 -10.49 -10.14 -21.46
CA MET A 99 -10.56 -8.69 -21.65
C MET A 99 -10.79 -8.39 -23.13
N THR A 100 -11.53 -7.33 -23.43
CA THR A 100 -11.90 -7.03 -24.80
C THR A 100 -11.75 -5.56 -25.15
N ASP A 101 -11.53 -5.26 -26.43
CA ASP A 101 -11.71 -3.91 -26.92
C ASP A 101 -11.74 -3.79 -28.44
N PHE A 102 -12.50 -2.81 -28.91
CA PHE A 102 -12.67 -2.54 -30.32
C PHE A 102 -11.35 -2.16 -30.99
N LEU A 103 -10.54 -1.36 -30.31
CA LEU A 103 -9.31 -0.85 -30.92
C LEU A 103 -8.12 -1.79 -30.73
N GLU A 104 -7.32 -1.91 -31.78
CA GLU A 104 -6.07 -2.65 -31.72
C GLU A 104 -5.09 -1.99 -30.77
N VAL A 105 -4.98 -0.65 -30.84
CA VAL A 105 -4.08 0.09 -29.98
C VAL A 105 -4.35 -0.17 -28.49
N ASN A 106 -5.62 -0.28 -28.13
CA ASN A 106 -5.98 -0.53 -26.75
C ASN A 106 -5.62 -1.94 -26.27
N ARG A 107 -5.74 -2.90 -27.17
CA ARG A 107 -5.38 -4.28 -26.83
C ARG A 107 -3.86 -4.38 -26.71
N GLN A 108 -3.16 -3.59 -27.51
CA GLN A 108 -1.70 -3.56 -27.48
C GLN A 108 -1.21 -2.97 -26.18
N GLU A 109 -1.93 -1.97 -25.70
CA GLU A 109 -1.59 -1.32 -24.43
C GLU A 109 -1.85 -2.29 -23.27
N LEU A 110 -3.01 -2.94 -23.29
CA LEU A 110 -3.33 -3.95 -22.29
C LEU A 110 -2.23 -5.00 -22.24
N GLY A 111 -1.76 -5.41 -23.41
CA GLY A 111 -0.73 -6.42 -23.52
C GLY A 111 0.52 -5.98 -22.80
N ARG A 112 0.91 -4.73 -22.99
CA ARG A 112 2.12 -4.21 -22.38
C ARG A 112 2.10 -4.31 -20.86
N TRP A 113 0.93 -4.15 -20.26
CA TRP A 113 0.83 -4.27 -18.81
C TRP A 113 0.75 -5.72 -18.35
N LEU A 114 0.12 -6.56 -19.18
CA LEU A 114 -0.02 -7.97 -18.82
C LEU A 114 1.32 -8.71 -18.90
N GLN A 115 2.14 -8.34 -19.88
CA GLN A 115 3.43 -8.98 -20.07
C GLN A 115 4.55 -8.24 -19.34
N GLU A 116 4.16 -7.26 -18.53
CA GLU A 116 5.12 -6.43 -17.81
C GLU A 116 6.19 -5.86 -18.74
N GLU A 117 5.79 -5.53 -19.96
CA GLU A 117 6.71 -5.01 -20.95
C GLU A 117 7.09 -3.56 -20.66
N PRO A 118 7.99 -2.99 -21.48
CA PRO A 118 8.39 -1.58 -21.30
C PRO A 118 7.31 -0.61 -21.75
N GLY A 119 7.19 0.50 -21.02
CA GLY A 119 6.24 1.54 -21.38
C GLY A 119 4.86 1.28 -20.83
N ALA A 120 4.65 0.07 -20.29
CA ALA A 120 3.37 -0.27 -19.70
C ALA A 120 2.91 0.86 -18.79
N PHE A 121 1.60 1.06 -18.73
CA PHE A 121 1.05 2.05 -17.81
C PHE A 121 1.24 1.54 -16.38
N ASN A 122 1.42 2.48 -15.45
CA ASN A 122 1.61 2.13 -14.06
C ASN A 122 0.28 2.16 -13.28
N TRP A 123 -0.22 0.96 -12.95
CA TRP A 123 -1.48 0.84 -12.22
C TRP A 123 -1.28 0.58 -10.72
N SER A 124 -0.05 0.71 -10.25
CA SER A 124 0.29 0.34 -8.89
C SER A 124 -0.53 1.11 -7.83
N MET A 125 -0.72 2.41 -8.02
CA MET A 125 -1.54 3.16 -7.09
C MET A 125 -2.94 2.54 -6.91
N TYR A 126 -3.55 2.09 -8.01
CA TYR A 126 -4.87 1.47 -7.97
C TYR A 126 -4.87 0.08 -7.35
N SER A 127 -3.82 -0.70 -7.63
CA SER A 127 -3.70 -2.03 -7.06
C SER A 127 -3.61 -1.91 -5.55
N GLN A 128 -2.82 -0.93 -5.11
CA GLN A 128 -2.67 -0.62 -3.69
C GLN A 128 -4.00 -0.25 -3.07
N HIS A 129 -4.72 0.68 -3.69
CA HIS A 129 -5.97 1.14 -3.10
C HIS A 129 -7.02 0.04 -3.07
N ALA A 130 -7.00 -0.83 -4.07
CA ALA A 130 -7.88 -1.98 -4.06
C ALA A 130 -7.56 -2.87 -2.86
N CYS A 131 -6.27 -3.11 -2.64
CA CYS A 131 -5.82 -3.88 -1.49
C CYS A 131 -6.23 -3.21 -0.19
N LEU A 132 -6.05 -1.90 -0.14
CA LEU A 132 -6.43 -1.09 1.01
C LEU A 132 -7.91 -1.27 1.31
N ILE A 133 -8.73 -1.02 0.30
CA ILE A 133 -10.19 -1.07 0.39
C ILE A 133 -10.71 -2.47 0.74
N GLU A 134 -10.23 -3.47 0.01
CA GLU A 134 -10.65 -4.84 0.28
C GLU A 134 -10.36 -5.25 1.72
N GLY A 135 -9.22 -4.81 2.25
CA GLY A 135 -8.91 -5.02 3.66
C GLY A 135 -8.62 -6.46 4.04
N LYS A 136 -7.93 -7.17 3.16
CA LYS A 136 -7.56 -8.56 3.45
C LYS A 136 -6.08 -8.67 3.77
N GLY A 137 -5.42 -7.52 3.87
CA GLY A 137 -3.99 -7.49 4.18
C GLY A 137 -3.09 -7.84 3.02
N GLU A 138 -3.67 -7.98 1.83
CA GLU A 138 -2.91 -8.37 0.63
C GLU A 138 -1.96 -7.27 0.16
N CYS A 139 -0.82 -7.66 -0.37
CA CYS A 139 0.09 -6.69 -0.98
C CYS A 139 -0.31 -6.47 -2.43
N TRP A 140 0.01 -5.29 -2.95
CA TRP A 140 -0.40 -4.93 -4.28
C TRP A 140 0.32 -5.73 -5.38
N GLN A 141 1.49 -6.26 -5.05
CA GLN A 141 2.22 -7.11 -6.01
C GLN A 141 1.52 -8.45 -6.22
N ASP A 142 0.93 -9.01 -5.17
CA ASP A 142 0.22 -10.27 -5.27
C ASP A 142 -1.11 -10.10 -6.02
N LYS A 143 -1.70 -8.93 -5.87
CA LYS A 143 -2.94 -8.58 -6.57
C LYS A 143 -2.70 -8.52 -8.08
N GLU A 144 -1.76 -7.67 -8.50
CA GLU A 144 -1.42 -7.55 -9.91
C GLU A 144 -0.98 -8.88 -10.50
N ARG A 145 -0.35 -9.70 -9.67
CA ARG A 145 0.13 -11.00 -10.12
C ARG A 145 -1.06 -11.90 -10.42
N GLN A 146 -2.07 -11.86 -9.55
CA GLN A 146 -3.27 -12.68 -9.70
C GLN A 146 -4.06 -12.27 -10.94
N LEU A 147 -4.26 -10.97 -11.10
CA LEU A 147 -4.90 -10.43 -12.29
C LEU A 147 -4.19 -10.93 -13.55
N ARG A 148 -2.90 -10.61 -13.66
CA ARG A 148 -2.10 -11.02 -14.81
C ARG A 148 -2.19 -12.52 -15.09
N ALA A 149 -2.46 -13.29 -14.05
CA ALA A 149 -2.53 -14.74 -14.17
C ALA A 149 -3.88 -15.18 -14.71
N ARG A 150 -4.95 -14.55 -14.22
CA ARG A 150 -6.29 -15.01 -14.54
C ARG A 150 -6.85 -14.42 -15.84
N VAL A 151 -6.14 -13.44 -16.40
CA VAL A 151 -6.48 -12.91 -17.71
C VAL A 151 -5.86 -13.78 -18.81
N LYS A 152 -6.70 -14.61 -19.42
CA LYS A 152 -6.23 -15.59 -20.38
C LYS A 152 -6.07 -15.02 -21.78
N ARG A 153 -6.91 -14.02 -22.12
CA ARG A 153 -6.97 -13.54 -23.50
C ARG A 153 -7.50 -12.11 -23.62
N VAL A 154 -7.02 -11.40 -24.64
CA VAL A 154 -7.48 -10.06 -24.96
C VAL A 154 -8.08 -10.04 -26.37
N LEU A 155 -9.41 -10.07 -26.46
CA LEU A 155 -10.10 -10.25 -27.73
C LEU A 155 -10.69 -8.96 -28.30
N PRO A 156 -10.71 -8.86 -29.63
CA PRO A 156 -11.48 -7.79 -30.27
C PRO A 156 -12.97 -7.98 -29.98
N ILE A 157 -13.72 -6.88 -30.06
CA ILE A 157 -15.14 -6.91 -29.77
C ILE A 157 -15.82 -5.68 -30.37
N ASP A 158 -17.09 -5.85 -30.72
CA ASP A 158 -17.94 -4.74 -31.18
C ASP A 158 -19.32 -4.94 -30.58
N VAL A 159 -19.71 -4.08 -29.66
CA VAL A 159 -20.98 -4.26 -28.95
C VAL A 159 -22.16 -4.02 -29.89
N HIS A 160 -21.86 -3.45 -31.05
CA HIS A 160 -22.91 -3.14 -32.03
C HIS A 160 -23.32 -4.37 -32.83
N GLN A 161 -22.53 -5.45 -32.72
CA GLN A 161 -22.91 -6.70 -33.37
C GLN A 161 -23.76 -7.54 -32.42
N PRO A 162 -24.81 -8.20 -32.97
CA PRO A 162 -25.67 -9.10 -32.20
C PRO A 162 -24.86 -10.23 -31.58
N GLN A 163 -23.74 -10.54 -32.20
CA GLN A 163 -22.75 -11.44 -31.62
C GLN A 163 -21.45 -10.65 -31.47
N PRO A 164 -21.32 -9.95 -30.34
CA PRO A 164 -20.30 -8.91 -30.14
C PRO A 164 -18.87 -9.43 -30.25
N LEU A 165 -18.65 -10.68 -29.84
CA LEU A 165 -17.34 -11.29 -29.90
C LEU A 165 -17.09 -12.00 -31.23
N GLY A 166 -18.17 -12.45 -31.86
CA GLY A 166 -18.07 -13.13 -33.12
C GLY A 166 -18.66 -14.52 -33.10
N ALA A 167 -18.20 -15.37 -34.01
CA ALA A 167 -18.74 -16.72 -34.14
C ALA A 167 -17.98 -17.73 -33.28
N GLY A 168 -16.70 -17.94 -33.60
CA GLY A 168 -15.90 -18.91 -32.90
C GLY A 168 -14.90 -18.28 -31.94
N SER A 169 -15.41 -17.44 -31.05
CA SER A 169 -14.56 -16.74 -30.09
C SER A 169 -13.90 -17.71 -29.11
N PRO A 170 -12.60 -17.52 -28.86
CA PRO A 170 -11.83 -18.34 -27.92
C PRO A 170 -12.36 -18.19 -26.49
N ALA A 171 -13.31 -17.27 -26.30
CA ALA A 171 -13.86 -16.97 -24.99
C ALA A 171 -14.89 -17.99 -24.54
N PRO A 172 -14.73 -18.54 -23.33
CA PRO A 172 -15.73 -19.48 -22.81
C PRO A 172 -17.07 -18.79 -22.71
N LEU A 173 -18.10 -19.38 -23.31
CA LEU A 173 -19.43 -18.80 -23.28
C LEU A 173 -20.47 -19.85 -22.90
N PRO A 174 -21.50 -19.43 -22.17
CA PRO A 174 -21.68 -18.05 -21.71
C PRO A 174 -20.82 -17.75 -20.49
N ALA A 175 -20.59 -16.47 -20.21
CA ALA A 175 -19.77 -16.07 -19.08
C ALA A 175 -20.60 -16.11 -17.79
N ASP A 176 -19.94 -16.38 -16.67
CA ASP A 176 -20.63 -16.39 -15.39
C ASP A 176 -20.98 -14.98 -14.95
N ALA A 177 -20.26 -14.00 -15.49
CA ALA A 177 -20.42 -12.60 -15.12
C ALA A 177 -19.76 -11.68 -16.12
N LEU A 178 -20.24 -10.43 -16.20
CA LEU A 178 -19.67 -9.43 -17.09
C LEU A 178 -19.32 -8.15 -16.33
N VAL A 179 -18.28 -7.47 -16.80
CA VAL A 179 -17.92 -6.15 -16.30
C VAL A 179 -17.79 -5.20 -17.49
N SER A 180 -18.33 -3.99 -17.37
CA SER A 180 -18.12 -2.99 -18.41
C SER A 180 -18.15 -1.59 -17.84
N ALA A 181 -17.07 -0.85 -18.09
CA ALA A 181 -16.93 0.51 -17.58
C ALA A 181 -16.71 1.51 -18.71
N PHE A 182 -17.59 2.50 -18.80
CA PHE A 182 -17.42 3.62 -19.71
C PHE A 182 -17.32 3.21 -21.18
N CYS A 183 -18.07 2.18 -21.57
CA CYS A 183 -18.04 1.71 -22.95
C CYS A 183 -19.32 2.06 -23.71
N LEU A 184 -20.42 1.42 -23.35
CA LEU A 184 -21.70 1.56 -24.05
C LEU A 184 -22.08 3.02 -24.34
N GLU A 185 -22.29 3.81 -23.30
CA GLU A 185 -22.70 5.19 -23.49
C GLU A 185 -21.71 5.96 -24.37
N ALA A 186 -20.48 5.48 -24.41
CA ALA A 186 -19.43 6.17 -25.14
C ALA A 186 -19.24 5.67 -26.57
N VAL A 187 -19.97 4.62 -26.93
CA VAL A 187 -19.93 4.09 -28.29
C VAL A 187 -21.30 4.17 -28.95
N SER A 188 -22.24 4.78 -28.25
CA SER A 188 -23.63 4.81 -28.69
C SER A 188 -24.13 6.23 -28.93
N PRO A 189 -24.63 6.50 -30.15
CA PRO A 189 -25.12 7.80 -30.58
C PRO A 189 -26.36 8.25 -29.83
N ASP A 190 -27.14 7.29 -29.33
CA ASP A 190 -28.41 7.63 -28.69
C ASP A 190 -28.89 6.51 -27.79
N LEU A 191 -29.97 6.80 -27.06
CA LEU A 191 -30.53 5.83 -26.12
C LEU A 191 -30.81 4.48 -26.76
N ALA A 192 -31.31 4.49 -27.98
CA ALA A 192 -31.71 3.26 -28.64
C ALA A 192 -30.52 2.37 -28.96
N SER A 193 -29.46 2.97 -29.47
CA SER A 193 -28.25 2.21 -29.76
C SER A 193 -27.73 1.62 -28.45
N PHE A 194 -27.68 2.45 -27.42
CA PHE A 194 -27.27 2.05 -26.07
C PHE A 194 -28.03 0.80 -25.65
N GLN A 195 -29.36 0.88 -25.70
CA GLN A 195 -30.21 -0.23 -25.30
C GLN A 195 -29.92 -1.49 -26.10
N ARG A 196 -29.71 -1.35 -27.41
CA ARG A 196 -29.38 -2.51 -28.24
C ARG A 196 -28.01 -3.08 -27.89
N ALA A 197 -27.02 -2.21 -27.72
CA ALA A 197 -25.69 -2.63 -27.35
C ALA A 197 -25.73 -3.42 -26.05
N LEU A 198 -26.54 -2.94 -25.11
CA LEU A 198 -26.75 -3.65 -23.85
C LEU A 198 -27.32 -5.04 -24.15
N ASP A 199 -28.31 -5.10 -25.03
CA ASP A 199 -28.87 -6.36 -25.47
C ASP A 199 -27.80 -7.27 -26.04
N HIS A 200 -26.98 -6.74 -26.95
CA HIS A 200 -25.95 -7.53 -27.59
C HIS A 200 -25.00 -8.20 -26.62
N ILE A 201 -24.53 -7.45 -25.62
CA ILE A 201 -23.59 -7.99 -24.65
C ILE A 201 -24.28 -8.94 -23.67
N THR A 202 -25.54 -8.64 -23.38
CA THR A 202 -26.33 -9.46 -22.45
C THR A 202 -26.42 -10.93 -22.88
N THR A 203 -26.33 -11.18 -24.18
CA THR A 203 -26.39 -12.55 -24.68
C THR A 203 -25.15 -13.36 -24.28
N LEU A 204 -24.05 -12.65 -24.02
CA LEU A 204 -22.80 -13.27 -23.60
C LEU A 204 -22.87 -13.76 -22.15
N LEU A 205 -23.90 -13.32 -21.45
CA LEU A 205 -24.03 -13.59 -20.02
C LEU A 205 -25.01 -14.73 -19.73
N ARG A 206 -24.49 -15.80 -19.13
CA ARG A 206 -25.32 -16.91 -18.69
C ARG A 206 -26.46 -16.42 -17.83
N PRO A 207 -27.65 -17.03 -17.98
CA PRO A 207 -28.80 -16.68 -17.14
C PRO A 207 -28.50 -16.91 -15.67
N GLY A 208 -28.86 -15.95 -14.83
CA GLY A 208 -28.51 -16.00 -13.43
C GLY A 208 -27.22 -15.26 -13.19
N GLY A 209 -26.49 -15.02 -14.28
CA GLY A 209 -25.21 -14.34 -14.22
C GLY A 209 -25.29 -12.93 -13.64
N HIS A 210 -24.14 -12.28 -13.51
CA HIS A 210 -24.11 -10.92 -12.98
C HIS A 210 -23.39 -9.95 -13.90
N LEU A 211 -23.92 -8.73 -13.97
CA LEU A 211 -23.31 -7.66 -14.74
C LEU A 211 -22.96 -6.49 -13.83
N LEU A 212 -21.74 -5.99 -13.97
CA LEU A 212 -21.33 -4.80 -13.25
C LEU A 212 -21.03 -3.71 -14.25
N LEU A 213 -21.87 -2.68 -14.25
CA LEU A 213 -21.80 -1.66 -15.27
C LEU A 213 -21.47 -0.30 -14.66
N ILE A 214 -20.39 0.30 -15.13
CA ILE A 214 -20.01 1.66 -14.71
C ILE A 214 -20.01 2.54 -15.94
N GLY A 215 -20.41 3.80 -15.79
CA GLY A 215 -20.39 4.70 -16.92
C GLY A 215 -20.63 6.14 -16.58
N ALA A 216 -20.44 7.00 -17.58
CA ALA A 216 -20.63 8.43 -17.41
C ALA A 216 -22.12 8.80 -17.38
N LEU A 217 -22.47 9.79 -16.56
CA LEU A 217 -23.84 10.30 -16.52
C LEU A 217 -23.95 11.65 -17.20
N GLU A 218 -24.96 11.80 -18.05
CA GLU A 218 -25.23 13.08 -18.72
C GLU A 218 -24.00 13.66 -19.37
N GLU A 219 -23.19 12.79 -19.98
CA GLU A 219 -22.01 13.24 -20.71
C GLU A 219 -22.27 13.19 -22.21
N SER A 220 -21.85 14.23 -22.93
CA SER A 220 -22.09 14.28 -24.37
C SER A 220 -20.82 14.15 -25.23
N TRP A 221 -19.66 14.41 -24.63
CA TRP A 221 -18.39 14.27 -25.34
C TRP A 221 -17.22 14.08 -24.37
N TYR A 222 -16.14 13.48 -24.86
CA TYR A 222 -14.90 13.44 -24.12
C TYR A 222 -13.72 13.36 -25.10
N LEU A 223 -12.56 13.84 -24.66
CA LEU A 223 -11.39 13.89 -25.52
C LEU A 223 -10.45 12.74 -25.23
N ALA A 224 -9.70 12.34 -26.25
CA ALA A 224 -8.70 11.29 -26.11
C ALA A 224 -7.58 11.54 -27.11
N GLY A 225 -6.93 12.69 -26.98
CA GLY A 225 -5.89 13.10 -27.91
C GLY A 225 -6.48 13.88 -29.07
N GLU A 226 -6.19 13.45 -30.29
CA GLU A 226 -6.69 14.12 -31.47
C GLU A 226 -8.16 13.73 -31.69
N ALA A 227 -8.59 12.69 -30.98
CA ALA A 227 -9.94 12.17 -31.12
C ALA A 227 -10.91 12.88 -30.18
N ARG A 228 -12.06 13.28 -30.73
CA ARG A 228 -13.13 13.89 -29.96
C ARG A 228 -14.35 12.98 -30.08
N LEU A 229 -14.72 12.32 -28.98
CA LEU A 229 -15.79 11.32 -29.03
C LEU A 229 -17.15 11.89 -28.68
N THR A 230 -18.18 11.40 -29.35
CA THR A 230 -19.56 11.77 -29.04
C THR A 230 -20.15 10.76 -28.06
N VAL A 231 -20.89 11.26 -27.09
CA VAL A 231 -21.44 10.41 -26.05
C VAL A 231 -22.95 10.64 -25.96
N VAL A 232 -23.69 9.57 -25.75
CA VAL A 232 -25.11 9.71 -25.45
C VAL A 232 -25.28 10.00 -23.97
N PRO A 233 -25.73 11.22 -23.64
CA PRO A 233 -25.98 11.57 -22.24
C PRO A 233 -27.13 10.74 -21.67
N VAL A 234 -26.82 9.82 -20.77
CA VAL A 234 -27.84 9.02 -20.11
C VAL A 234 -28.03 9.47 -18.66
N SER A 235 -29.18 9.12 -18.08
CA SER A 235 -29.48 9.42 -16.68
C SER A 235 -29.55 8.14 -15.90
N GLU A 236 -29.62 8.24 -14.57
CA GLU A 236 -29.72 7.06 -13.71
C GLU A 236 -31.00 6.26 -14.00
N GLU A 237 -32.12 6.96 -14.16
CA GLU A 237 -33.37 6.28 -14.46
CA GLU A 237 -33.39 6.33 -14.49
C GLU A 237 -33.33 5.60 -15.84
N GLU A 238 -32.71 6.26 -16.81
CA GLU A 238 -32.59 5.69 -18.14
C GLU A 238 -31.73 4.44 -18.12
N VAL A 239 -30.69 4.46 -17.29
CA VAL A 239 -29.81 3.32 -17.12
C VAL A 239 -30.59 2.17 -16.49
N ARG A 240 -31.35 2.48 -15.44
CA ARG A 240 -32.14 1.46 -14.77
C ARG A 240 -33.15 0.84 -15.75
N GLU A 241 -33.95 1.70 -16.38
CA GLU A 241 -34.93 1.26 -17.35
C GLU A 241 -34.27 0.36 -18.41
N ALA A 242 -33.11 0.77 -18.89
CA ALA A 242 -32.41 -0.01 -19.90
C ALA A 242 -32.02 -1.40 -19.39
N LEU A 243 -31.64 -1.47 -18.12
CA LEU A 243 -31.25 -2.75 -17.52
C LEU A 243 -32.46 -3.66 -17.38
N VAL A 244 -33.59 -3.09 -16.97
CA VAL A 244 -34.82 -3.87 -16.83
C VAL A 244 -35.25 -4.42 -18.18
N ARG A 245 -35.31 -3.52 -19.16
CA ARG A 245 -35.70 -3.89 -20.51
C ARG A 245 -34.79 -4.98 -21.07
N SER A 246 -33.51 -4.92 -20.76
CA SER A 246 -32.58 -5.93 -21.27
C SER A 246 -32.75 -7.27 -20.55
N GLY A 247 -33.56 -7.29 -19.51
CA GLY A 247 -33.84 -8.51 -18.78
C GLY A 247 -33.01 -8.73 -17.53
N TYR A 248 -32.64 -7.64 -16.87
CA TYR A 248 -31.90 -7.71 -15.61
C TYR A 248 -32.76 -7.33 -14.42
N LYS A 249 -32.48 -7.93 -13.27
CA LYS A 249 -32.95 -7.40 -12.00
C LYS A 249 -31.84 -6.51 -11.45
N VAL A 250 -32.19 -5.28 -11.10
CA VAL A 250 -31.20 -4.34 -10.61
C VAL A 250 -31.00 -4.50 -9.11
N ARG A 251 -29.86 -5.09 -8.74
CA ARG A 251 -29.55 -5.32 -7.33
C ARG A 251 -29.08 -4.02 -6.67
N ASP A 252 -28.30 -3.23 -7.39
CA ASP A 252 -27.73 -2.01 -6.85
C ASP A 252 -27.40 -1.04 -7.97
N LEU A 253 -27.70 0.23 -7.75
CA LEU A 253 -27.43 1.28 -8.72
C LEU A 253 -27.15 2.59 -8.00
N ARG A 254 -25.90 3.06 -8.07
CA ARG A 254 -25.49 4.24 -7.31
C ARG A 254 -24.97 5.34 -8.22
N THR A 255 -25.04 6.57 -7.72
CA THR A 255 -24.54 7.72 -8.46
C THR A 255 -23.47 8.50 -7.69
N TYR A 256 -22.42 8.84 -8.41
CA TYR A 256 -21.39 9.72 -7.90
C TYR A 256 -21.49 11.03 -8.66
N ILE A 257 -21.64 12.14 -7.94
CA ILE A 257 -21.69 13.43 -8.60
C ILE A 257 -20.28 14.00 -8.72
N MET A 258 -19.92 14.39 -9.94
CA MET A 258 -18.56 14.87 -10.21
C MET A 258 -18.38 16.24 -9.56
N PRO A 259 -17.41 16.36 -8.64
CA PRO A 259 -17.18 17.63 -7.97
C PRO A 259 -16.58 18.65 -8.93
N ALA A 260 -16.71 19.93 -8.61
CA ALA A 260 -16.18 20.99 -9.47
C ALA A 260 -14.70 20.81 -9.84
N HIS A 261 -13.86 20.49 -8.85
CA HIS A 261 -12.42 20.44 -9.08
C HIS A 261 -12.01 19.26 -9.95
N LEU A 262 -12.95 18.37 -10.22
CA LEU A 262 -12.66 17.23 -11.10
C LEU A 262 -13.22 17.45 -12.50
N GLN A 263 -13.78 18.64 -12.73
CA GLN A 263 -14.22 19.07 -14.05
C GLN A 263 -13.04 19.74 -14.76
N THR A 264 -12.32 18.97 -15.55
CA THR A 264 -11.01 19.38 -16.05
C THR A 264 -10.99 19.87 -17.49
N GLY A 265 -12.12 19.83 -18.18
CA GLY A 265 -12.14 20.23 -19.57
C GLY A 265 -11.72 19.14 -20.54
N VAL A 266 -11.66 17.90 -20.08
CA VAL A 266 -11.40 16.77 -20.96
C VAL A 266 -12.72 16.11 -21.33
N ASP A 267 -13.80 16.60 -20.73
CA ASP A 267 -15.12 16.05 -20.99
C ASP A 267 -16.18 16.96 -20.39
N ASP A 268 -17.43 16.50 -20.39
CA ASP A 268 -18.52 17.25 -19.81
C ASP A 268 -19.39 16.38 -18.93
N VAL A 269 -18.82 15.26 -18.50
CA VAL A 269 -19.48 14.34 -17.57
C VAL A 269 -20.01 15.10 -16.36
N LYS A 270 -21.19 14.72 -15.88
CA LYS A 270 -21.81 15.37 -14.73
C LYS A 270 -21.73 14.48 -13.48
N GLY A 271 -21.75 13.18 -13.71
CA GLY A 271 -21.71 12.21 -12.64
C GLY A 271 -21.25 10.89 -13.19
N VAL A 272 -21.22 9.88 -12.32
CA VAL A 272 -20.83 8.55 -12.74
C VAL A 272 -21.79 7.59 -12.05
N PHE A 273 -22.26 6.58 -12.77
CA PHE A 273 -23.16 5.61 -12.18
C PHE A 273 -22.47 4.26 -12.01
N PHE A 274 -22.90 3.51 -11.01
CA PHE A 274 -22.49 2.13 -10.87
C PHE A 274 -23.71 1.23 -10.74
N ALA A 275 -23.78 0.19 -11.57
CA ALA A 275 -24.90 -0.72 -11.49
C ALA A 275 -24.50 -2.17 -11.30
N TRP A 276 -25.17 -2.83 -10.37
CA TRP A 276 -25.05 -4.27 -10.19
C TRP A 276 -26.36 -4.90 -10.62
N ALA A 277 -26.33 -5.66 -11.70
CA ALA A 277 -27.56 -6.23 -12.24
C ALA A 277 -27.43 -7.73 -12.41
N GLN A 278 -28.52 -8.45 -12.13
CA GLN A 278 -28.52 -9.90 -12.28
C GLN A 278 -29.44 -10.32 -13.41
N LYS A 279 -28.94 -11.18 -14.29
CA LYS A 279 -29.72 -11.69 -15.40
C LYS A 279 -30.78 -12.67 -14.89
N VAL A 280 -32.05 -12.37 -15.17
CA VAL A 280 -33.14 -13.22 -14.73
C VAL A 280 -33.24 -14.48 -15.59
N PRO B 14 33.37 -3.33 36.79
CA PRO B 14 34.63 -3.10 36.09
C PRO B 14 34.63 -1.81 35.28
N ASP B 15 35.36 -1.80 34.17
CA ASP B 15 35.49 -0.61 33.34
C ASP B 15 34.65 -0.72 32.07
N SER B 16 33.93 0.35 31.76
CA SER B 16 33.08 0.38 30.56
C SER B 16 33.85 0.87 29.34
N ALA B 17 34.80 1.77 29.56
CA ALA B 17 35.51 2.45 28.49
C ALA B 17 36.00 1.54 27.35
N PRO B 18 36.74 0.47 27.68
CA PRO B 18 37.31 -0.39 26.63
C PRO B 18 36.25 -0.95 25.66
N GLY B 19 35.19 -1.52 26.20
CA GLY B 19 34.16 -2.12 25.37
C GLY B 19 33.51 -1.09 24.45
N GLN B 20 33.11 0.03 25.05
CA GLN B 20 32.46 1.09 24.30
C GLN B 20 33.34 1.56 23.14
N ALA B 21 34.64 1.59 23.37
CA ALA B 21 35.58 2.09 22.36
C ALA B 21 35.73 1.09 21.21
N ALA B 22 35.61 -0.19 21.52
CA ALA B 22 35.59 -1.24 20.52
C ALA B 22 34.40 -1.05 19.59
N VAL B 23 33.23 -0.85 20.20
CA VAL B 23 31.99 -0.63 19.47
C VAL B 23 32.10 0.61 18.60
N ALA B 24 32.43 1.73 19.22
CA ALA B 24 32.65 2.98 18.49
C ALA B 24 33.56 2.79 17.30
N SER B 25 34.67 2.09 17.51
CA SER B 25 35.62 1.81 16.45
C SER B 25 34.95 1.07 15.31
N ALA B 26 34.30 -0.05 15.65
CA ALA B 26 33.66 -0.88 14.64
C ALA B 26 32.64 -0.12 13.78
N TYR B 27 31.84 0.74 14.40
CA TYR B 27 30.78 1.45 13.68
C TYR B 27 31.28 2.51 12.70
N GLN B 28 32.60 2.74 12.69
CA GLN B 28 33.20 3.66 11.74
C GLN B 28 33.25 3.04 10.35
N ARG B 29 33.03 1.73 10.28
CA ARG B 29 32.99 1.03 9.00
C ARG B 29 31.56 0.72 8.56
N PHE B 30 30.59 1.09 9.40
CA PHE B 30 29.18 0.87 9.11
C PHE B 30 28.75 1.57 7.82
N GLU B 31 28.27 0.80 6.84
CA GLU B 31 27.76 1.36 5.58
C GLU B 31 26.23 1.32 5.53
N PRO B 32 25.58 2.47 5.71
CA PRO B 32 24.11 2.56 5.69
C PRO B 32 23.50 1.79 4.52
N ARG B 33 24.02 2.04 3.32
CA ARG B 33 23.43 1.49 2.12
C ARG B 33 23.42 -0.03 2.11
N ALA B 34 24.50 -0.62 2.59
CA ALA B 34 24.62 -2.07 2.64
C ALA B 34 23.72 -2.61 3.73
N TYR B 35 23.63 -1.85 4.82
CA TYR B 35 22.74 -2.22 5.91
C TYR B 35 21.29 -2.22 5.44
N LEU B 36 20.91 -1.16 4.72
CA LEU B 36 19.57 -1.06 4.16
C LEU B 36 19.26 -2.23 3.25
N ARG B 37 20.16 -2.50 2.31
CA ARG B 37 20.03 -3.63 1.40
C ARG B 37 19.91 -4.98 2.13
N ASN B 38 20.69 -5.16 3.19
CA ASN B 38 20.70 -6.43 3.92
C ASN B 38 19.41 -6.72 4.68
N ASN B 39 18.78 -5.68 5.19
CA ASN B 39 17.68 -5.85 6.14
C ASN B 39 16.32 -5.35 5.66
N TYR B 40 16.33 -4.40 4.74
CA TYR B 40 15.09 -3.74 4.35
C TYR B 40 14.74 -3.88 2.86
N ALA B 41 15.67 -4.41 2.10
CA ALA B 41 15.37 -4.89 0.74
C ALA B 41 15.02 -6.39 0.87
N PRO B 42 14.47 -6.99 -0.19
CA PRO B 42 14.12 -8.41 -0.07
C PRO B 42 15.37 -9.29 -0.07
N PRO B 43 15.26 -10.53 0.45
CA PRO B 43 14.08 -11.23 0.95
C PRO B 43 13.56 -10.73 2.32
N ARG B 44 14.44 -10.16 3.14
CA ARG B 44 14.02 -9.67 4.45
C ARG B 44 13.06 -8.50 4.38
N GLY B 45 13.12 -7.75 3.29
CA GLY B 45 12.28 -6.58 3.13
C GLY B 45 11.04 -6.89 2.32
N ASP B 46 10.82 -8.16 2.00
CA ASP B 46 9.64 -8.55 1.24
C ASP B 46 8.43 -8.49 2.14
N LEU B 47 7.60 -7.49 1.92
CA LEU B 47 6.44 -7.27 2.77
C LEU B 47 5.25 -8.14 2.37
N CYS B 48 5.40 -8.89 1.28
CA CYS B 48 4.29 -9.67 0.74
C CYS B 48 3.98 -10.92 1.55
N ASN B 49 5.00 -11.63 2.00
CA ASN B 49 4.80 -12.78 2.85
C ASN B 49 4.52 -12.36 4.28
N PRO B 50 3.30 -12.65 4.77
CA PRO B 50 2.91 -12.21 6.11
C PRO B 50 3.66 -13.00 7.18
N ASN B 51 4.35 -14.05 6.75
CA ASN B 51 5.17 -14.86 7.64
C ASN B 51 6.56 -14.26 7.81
N GLY B 52 6.84 -13.20 7.08
CA GLY B 52 8.13 -12.55 7.11
C GLY B 52 8.26 -11.59 8.27
N VAL B 53 9.50 -11.14 8.53
CA VAL B 53 9.83 -10.34 9.71
C VAL B 53 9.39 -8.87 9.59
N GLY B 54 9.44 -8.32 8.40
CA GLY B 54 8.95 -6.97 8.18
C GLY B 54 7.50 -6.81 8.59
N PRO B 55 6.62 -7.63 8.02
CA PRO B 55 5.20 -7.55 8.39
C PRO B 55 4.99 -7.75 9.89
N TRP B 56 5.69 -8.70 10.48
CA TRP B 56 5.58 -8.95 11.91
C TRP B 56 5.92 -7.67 12.71
N LYS B 57 7.01 -7.01 12.34
CA LYS B 57 7.43 -5.80 13.04
C LYS B 57 6.41 -4.67 12.92
N LEU B 58 6.00 -4.36 11.69
CA LEU B 58 5.01 -3.31 11.48
C LEU B 58 3.71 -3.67 12.20
N ARG B 59 3.41 -4.96 12.23
CA ARG B 59 2.22 -5.46 12.92
C ARG B 59 2.29 -5.20 14.43
N CYS B 60 3.42 -5.53 15.05
CA CYS B 60 3.59 -5.27 16.48
C CYS B 60 3.42 -3.79 16.79
N LEU B 61 4.09 -2.95 16.02
CA LEU B 61 3.97 -1.52 16.18
C LEU B 61 2.54 -1.03 15.98
N ALA B 62 1.90 -1.47 14.88
CA ALA B 62 0.57 -0.98 14.55
C ALA B 62 -0.45 -1.37 15.61
N GLN B 63 -0.42 -2.64 16.02
CA GLN B 63 -1.37 -3.13 17.01
C GLN B 63 -1.21 -2.42 18.35
N THR B 64 0.03 -2.06 18.69
CA THR B 64 0.28 -1.42 19.97
C THR B 64 -0.29 0.00 20.00
N PHE B 65 -0.03 0.78 18.96
CA PHE B 65 -0.58 2.13 18.87
C PHE B 65 -2.10 2.11 18.71
N ALA B 66 -2.63 0.99 18.24
CA ALA B 66 -4.07 0.87 18.03
C ALA B 66 -4.84 0.82 19.35
N THR B 67 -4.19 0.37 20.42
CA THR B 67 -4.83 0.32 21.73
C THR B 67 -5.22 1.71 22.21
N GLY B 68 -4.62 2.74 21.62
CA GLY B 68 -4.83 4.10 22.04
C GLY B 68 -4.05 4.46 23.30
N GLU B 69 -3.45 3.45 23.93
CA GLU B 69 -2.78 3.61 25.21
C GLU B 69 -1.43 4.31 25.15
N VAL B 70 -0.83 4.34 23.97
CA VAL B 70 0.48 4.97 23.82
C VAL B 70 0.34 6.30 23.07
N SER B 71 0.21 7.38 23.82
CA SER B 71 0.02 8.70 23.20
C SER B 71 0.73 9.79 24.00
N GLY B 72 0.70 11.01 23.48
CA GLY B 72 1.37 12.12 24.11
C GLY B 72 1.81 13.12 23.06
N ARG B 73 2.72 14.01 23.43
CA ARG B 73 3.15 15.07 22.53
C ARG B 73 4.47 14.70 21.89
N THR B 74 5.39 14.20 22.71
CA THR B 74 6.75 13.97 22.28
C THR B 74 7.17 12.50 22.28
N LEU B 75 7.93 12.14 21.26
CA LEU B 75 8.43 10.80 21.14
C LEU B 75 9.89 10.85 20.70
N ILE B 76 10.72 9.97 21.24
CA ILE B 76 12.11 9.90 20.82
C ILE B 76 12.45 8.49 20.32
N ASP B 77 13.04 8.44 19.14
CA ASP B 77 13.48 7.18 18.54
C ASP B 77 14.97 7.03 18.78
N ILE B 78 15.34 5.94 19.45
CA ILE B 78 16.71 5.74 19.93
C ILE B 78 17.50 4.89 18.97
N GLY B 79 18.55 5.45 18.39
CA GLY B 79 19.36 4.72 17.43
C GLY B 79 18.56 4.39 16.19
N SER B 80 17.97 5.42 15.60
CA SER B 80 17.20 5.30 14.37
C SER B 80 17.99 4.61 13.24
N GLY B 81 19.28 4.86 13.17
CA GLY B 81 20.06 4.45 12.02
C GLY B 81 19.51 5.15 10.78
N PRO B 82 19.56 4.48 9.63
CA PRO B 82 19.04 5.12 8.42
C PRO B 82 17.63 4.64 8.05
N THR B 83 16.86 4.20 9.05
CA THR B 83 15.52 3.65 8.80
C THR B 83 14.41 4.48 9.44
N VAL B 84 13.22 4.44 8.85
CA VAL B 84 12.09 5.20 9.39
C VAL B 84 10.84 4.34 9.64
N TYR B 85 10.88 3.08 9.19
CA TYR B 85 9.72 2.21 9.27
C TYR B 85 9.18 2.14 10.70
N GLN B 86 10.09 2.27 11.67
CA GLN B 86 9.74 2.11 13.09
C GLN B 86 8.87 3.25 13.59
N LEU B 87 8.74 4.28 12.77
CA LEU B 87 7.94 5.45 13.15
C LEU B 87 6.65 5.59 12.32
N LEU B 88 6.41 4.65 11.40
CA LEU B 88 5.27 4.75 10.51
C LEU B 88 3.91 4.76 11.24
N SER B 89 3.69 3.78 12.12
CA SER B 89 2.44 3.74 12.89
C SER B 89 2.45 4.73 14.04
N ALA B 90 3.63 5.18 14.41
CA ALA B 90 3.80 6.05 15.57
C ALA B 90 3.49 7.50 15.28
N CYS B 91 3.75 7.94 14.05
CA CYS B 91 3.68 9.36 13.72
C CYS B 91 2.28 9.96 13.84
N SER B 92 1.26 9.13 13.81
CA SER B 92 -0.10 9.66 13.95
C SER B 92 -0.49 9.90 15.42
N HIS B 93 0.43 9.61 16.34
CA HIS B 93 0.13 9.76 17.76
C HIS B 93 1.05 10.73 18.52
N PHE B 94 2.07 11.27 17.84
CA PHE B 94 2.97 12.23 18.46
C PHE B 94 3.30 13.40 17.54
N GLU B 95 3.05 14.62 18.00
CA GLU B 95 3.25 15.81 17.18
C GLU B 95 4.72 16.17 17.04
N ASP B 96 5.52 15.78 18.02
CA ASP B 96 6.95 16.10 18.01
C ASP B 96 7.76 14.82 18.13
N ILE B 97 8.49 14.52 17.07
CA ILE B 97 9.28 13.30 17.02
C ILE B 97 10.74 13.67 16.86
N THR B 98 11.58 13.14 17.73
CA THR B 98 13.03 13.29 17.62
C THR B 98 13.62 11.99 17.10
N MET B 99 14.43 12.07 16.05
CA MET B 99 15.20 10.91 15.61
C MET B 99 16.65 11.05 16.08
N THR B 100 17.37 9.95 16.20
CA THR B 100 18.72 9.99 16.74
C THR B 100 19.60 8.91 16.14
N ASP B 101 20.87 9.24 15.93
CA ASP B 101 21.86 8.19 15.70
C ASP B 101 23.28 8.59 16.08
N PHE B 102 24.06 7.58 16.43
CA PHE B 102 25.47 7.75 16.77
C PHE B 102 26.26 8.23 15.54
N LEU B 103 26.01 7.59 14.41
CA LEU B 103 26.76 7.86 13.19
C LEU B 103 26.16 9.00 12.38
N GLU B 104 27.03 9.87 11.87
CA GLU B 104 26.60 11.01 11.08
C GLU B 104 26.07 10.57 9.73
N VAL B 105 26.72 9.57 9.14
CA VAL B 105 26.33 9.08 7.82
C VAL B 105 24.92 8.50 7.85
N ASN B 106 24.48 8.05 9.02
CA ASN B 106 23.11 7.60 9.19
C ASN B 106 22.17 8.79 9.30
N ARG B 107 22.61 9.82 10.01
CA ARG B 107 21.80 11.01 10.15
C ARG B 107 21.59 11.66 8.78
N GLN B 108 22.64 11.67 7.97
CA GLN B 108 22.57 12.21 6.60
C GLN B 108 21.62 11.40 5.72
N GLU B 109 21.59 10.10 5.93
CA GLU B 109 20.68 9.23 5.20
C GLU B 109 19.23 9.60 5.51
N LEU B 110 18.91 9.73 6.80
CA LEU B 110 17.62 10.25 7.21
C LEU B 110 17.40 11.61 6.56
N GLY B 111 18.46 12.43 6.58
CA GLY B 111 18.45 13.71 5.91
C GLY B 111 17.94 13.60 4.47
N ARG B 112 18.44 12.62 3.73
CA ARG B 112 18.05 12.49 2.33
C ARG B 112 16.56 12.17 2.21
N TRP B 113 16.06 11.33 3.10
CA TRP B 113 14.66 10.96 3.03
C TRP B 113 13.75 12.11 3.42
N LEU B 114 14.17 12.89 4.41
CA LEU B 114 13.35 14.02 4.87
C LEU B 114 13.19 15.05 3.76
N GLN B 115 14.24 15.20 2.96
CA GLN B 115 14.25 16.14 1.84
C GLN B 115 13.54 15.57 0.61
N GLU B 116 13.09 14.32 0.72
CA GLU B 116 12.38 13.69 -0.37
C GLU B 116 13.26 13.68 -1.62
N GLU B 117 14.55 13.41 -1.43
CA GLU B 117 15.48 13.31 -2.55
C GLU B 117 15.40 11.95 -3.21
N PRO B 118 15.65 11.91 -4.54
CA PRO B 118 15.59 10.69 -5.33
C PRO B 118 16.65 9.70 -4.89
N GLY B 119 17.78 10.21 -4.43
CA GLY B 119 18.86 9.39 -3.96
C GLY B 119 18.48 8.61 -2.71
N ALA B 120 17.48 9.10 -1.99
CA ALA B 120 17.10 8.52 -0.70
C ALA B 120 16.59 7.09 -0.82
N PHE B 121 16.69 6.35 0.27
CA PHE B 121 16.09 5.01 0.32
C PHE B 121 14.58 5.15 0.20
N ASN B 122 13.97 4.26 -0.57
CA ASN B 122 12.52 4.29 -0.79
C ASN B 122 11.75 3.40 0.16
N TRP B 123 11.00 4.03 1.07
CA TRP B 123 10.24 3.32 2.09
C TRP B 123 8.78 3.09 1.71
N SER B 124 8.41 3.39 0.47
CA SER B 124 7.01 3.33 0.03
C SER B 124 6.31 2.00 0.34
N MET B 125 7.00 0.88 0.15
CA MET B 125 6.46 -0.44 0.48
C MET B 125 6.10 -0.54 1.96
N TYR B 126 6.98 0.00 2.81
CA TYR B 126 6.73 0.04 4.24
C TYR B 126 5.56 0.98 4.56
N SER B 127 5.57 2.17 4.00
CA SER B 127 4.47 3.12 4.22
C SER B 127 3.14 2.51 3.79
N GLN B 128 3.14 1.89 2.61
CA GLN B 128 1.93 1.24 2.10
CA GLN B 128 1.95 1.23 2.10
C GLN B 128 1.47 0.14 3.04
N HIS B 129 2.38 -0.77 3.41
CA HIS B 129 2.01 -1.88 4.28
C HIS B 129 1.48 -1.39 5.62
N ALA B 130 2.10 -0.34 6.18
CA ALA B 130 1.61 0.22 7.43
C ALA B 130 0.19 0.74 7.26
N CYS B 131 -0.06 1.47 6.16
CA CYS B 131 -1.39 1.96 5.85
C CYS B 131 -2.38 0.81 5.76
N LEU B 132 -1.97 -0.22 5.03
CA LEU B 132 -2.75 -1.44 4.90
C LEU B 132 -3.20 -2.04 6.24
N ILE B 133 -2.26 -2.25 7.16
CA ILE B 133 -2.63 -2.93 8.41
C ILE B 133 -3.26 -2.00 9.44
N GLU B 134 -3.07 -0.70 9.29
CA GLU B 134 -3.71 0.25 10.19
C GLU B 134 -5.20 0.33 9.88
N GLY B 135 -5.59 -0.17 8.71
CA GLY B 135 -6.98 -0.31 8.33
C GLY B 135 -7.81 0.96 8.38
N LYS B 136 -7.22 2.10 8.00
CA LYS B 136 -7.95 3.36 7.97
C LYS B 136 -8.05 3.92 6.55
N GLY B 137 -7.71 3.10 5.56
CA GLY B 137 -7.73 3.52 4.18
C GLY B 137 -6.80 4.67 3.82
N GLU B 138 -5.86 4.98 4.70
CA GLU B 138 -4.91 6.06 4.45
C GLU B 138 -4.00 5.71 3.28
N CYS B 139 -3.60 6.70 2.50
CA CYS B 139 -2.67 6.44 1.42
C CYS B 139 -1.23 6.70 1.88
N TRP B 140 -0.30 5.98 1.27
CA TRP B 140 1.06 5.97 1.77
C TRP B 140 1.73 7.33 1.63
N GLN B 141 1.34 8.09 0.61
CA GLN B 141 1.87 9.43 0.43
C GLN B 141 1.44 10.35 1.57
N ASP B 142 0.25 10.13 2.10
CA ASP B 142 -0.21 10.94 3.22
C ASP B 142 0.54 10.56 4.49
N LYS B 143 0.79 9.27 4.66
CA LYS B 143 1.44 8.78 5.86
C LYS B 143 2.87 9.34 5.92
N GLU B 144 3.57 9.25 4.79
CA GLU B 144 4.94 9.73 4.71
C GLU B 144 5.04 11.23 4.88
N ARG B 145 3.99 11.95 4.46
CA ARG B 145 3.97 13.39 4.57
C ARG B 145 3.78 13.78 6.03
N GLN B 146 3.00 12.99 6.75
CA GLN B 146 2.78 13.25 8.18
C GLN B 146 4.08 13.02 8.99
N LEU B 147 4.79 11.94 8.68
CA LEU B 147 6.07 11.66 9.32
C LEU B 147 7.08 12.77 9.07
N ARG B 148 7.21 13.17 7.81
CA ARG B 148 8.14 14.23 7.46
C ARG B 148 7.80 15.54 8.19
N ALA B 149 6.52 15.73 8.51
CA ALA B 149 6.07 16.94 9.19
C ALA B 149 6.36 16.89 10.68
N ARG B 150 6.36 15.69 11.22
CA ARG B 150 6.42 15.52 12.67
C ARG B 150 7.82 15.23 13.21
N VAL B 151 8.75 14.90 12.33
CA VAL B 151 10.14 14.74 12.72
C VAL B 151 10.78 16.12 12.88
N LYS B 152 10.97 16.53 14.13
CA LYS B 152 11.40 17.90 14.43
C LYS B 152 12.92 18.07 14.53
N ARG B 153 13.65 16.95 14.58
CA ARG B 153 15.10 17.02 14.68
C ARG B 153 15.74 15.64 14.66
N VAL B 154 16.92 15.57 14.02
CA VAL B 154 17.74 14.37 14.01
C VAL B 154 19.01 14.63 14.79
N LEU B 155 19.15 13.95 15.94
CA LEU B 155 20.21 14.27 16.89
C LEU B 155 21.22 13.16 17.05
N PRO B 156 22.48 13.53 17.31
CA PRO B 156 23.51 12.55 17.69
C PRO B 156 23.12 11.95 19.03
N ILE B 157 23.46 10.69 19.26
CA ILE B 157 23.18 10.06 20.53
C ILE B 157 24.23 9.00 20.85
N ASP B 158 24.49 8.81 22.14
CA ASP B 158 25.34 7.72 22.61
C ASP B 158 24.65 7.15 23.83
N VAL B 159 24.11 5.95 23.70
CA VAL B 159 23.35 5.33 24.79
C VAL B 159 24.23 4.88 25.96
N HIS B 160 25.53 4.82 25.73
CA HIS B 160 26.47 4.43 26.78
C HIS B 160 26.73 5.57 27.76
N GLN B 161 26.53 6.81 27.30
CA GLN B 161 26.61 7.98 28.16
C GLN B 161 25.37 8.06 29.05
N PRO B 162 25.54 8.51 30.31
CA PRO B 162 24.44 8.67 31.28
C PRO B 162 23.41 9.71 30.82
N GLN B 163 23.86 10.65 30.01
CA GLN B 163 22.98 11.54 29.28
C GLN B 163 23.21 11.27 27.80
N PRO B 164 22.45 10.32 27.25
CA PRO B 164 22.71 9.85 25.89
C PRO B 164 22.67 10.97 24.85
N LEU B 165 21.89 12.02 25.12
CA LEU B 165 21.78 13.13 24.20
C LEU B 165 22.74 14.27 24.55
N GLY B 166 23.45 14.11 25.66
CA GLY B 166 24.29 15.17 26.16
C GLY B 166 23.49 16.06 27.09
N ALA B 167 24.08 17.15 27.56
CA ALA B 167 23.39 18.07 28.44
C ALA B 167 22.94 19.32 27.67
N GLY B 168 21.80 19.87 28.07
CA GLY B 168 21.24 21.00 27.36
C GLY B 168 20.83 20.59 25.96
N SER B 169 20.41 19.34 25.84
CA SER B 169 19.99 18.79 24.55
C SER B 169 18.77 19.52 24.02
N PRO B 170 18.69 19.64 22.70
CA PRO B 170 17.57 20.28 22.01
C PRO B 170 16.27 19.52 22.27
N ALA B 171 16.37 18.20 22.39
CA ALA B 171 15.19 17.36 22.52
C ALA B 171 14.33 17.77 23.72
N PRO B 172 13.00 17.77 23.52
CA PRO B 172 12.09 18.06 24.63
C PRO B 172 12.08 16.90 25.59
N LEU B 173 12.60 17.12 26.80
CA LEU B 173 12.61 16.07 27.82
C LEU B 173 11.76 16.48 29.01
N PRO B 174 11.22 15.50 29.73
CA PRO B 174 11.27 14.09 29.36
C PRO B 174 10.26 13.79 28.27
N ALA B 175 10.60 12.85 27.37
CA ALA B 175 9.69 12.46 26.31
C ALA B 175 8.53 11.61 26.83
N ASP B 176 7.41 11.63 26.11
CA ASP B 176 6.24 10.84 26.49
C ASP B 176 6.41 9.37 26.12
N ALA B 177 7.21 9.10 25.10
CA ALA B 177 7.46 7.73 24.70
C ALA B 177 8.82 7.58 24.01
N LEU B 178 9.34 6.36 24.02
CA LEU B 178 10.57 6.05 23.34
C LEU B 178 10.35 4.87 22.40
N VAL B 179 11.04 4.91 21.27
CA VAL B 179 11.04 3.78 20.36
C VAL B 179 12.49 3.44 20.10
N SER B 180 12.81 2.14 20.09
CA SER B 180 14.17 1.73 19.75
C SER B 180 14.18 0.39 19.06
N ALA B 181 14.83 0.33 17.92
CA ALA B 181 14.87 -0.90 17.16
C ALA B 181 16.29 -1.34 16.81
N PHE B 182 16.69 -2.48 17.34
CA PHE B 182 17.98 -3.08 16.99
C PHE B 182 19.16 -2.17 17.33
N CYS B 183 19.01 -1.39 18.40
CA CYS B 183 20.05 -0.47 18.82
C CYS B 183 20.89 -0.99 19.99
N LEU B 184 20.23 -1.24 21.12
CA LEU B 184 20.93 -1.58 22.36
C LEU B 184 21.81 -2.84 22.25
N GLU B 185 21.22 -3.96 21.87
CA GLU B 185 21.95 -5.22 21.80
C GLU B 185 23.03 -5.16 20.71
N ALA B 186 22.92 -4.17 19.84
CA ALA B 186 23.84 -4.05 18.70
C ALA B 186 25.02 -3.11 18.95
N VAL B 187 25.01 -2.41 20.08
CA VAL B 187 26.11 -1.53 20.47
C VAL B 187 26.60 -1.82 21.88
N SER B 188 26.11 -2.91 22.46
CA SER B 188 26.50 -3.30 23.79
C SER B 188 27.29 -4.60 23.74
N PRO B 189 28.53 -4.57 24.24
CA PRO B 189 29.43 -5.74 24.20
C PRO B 189 28.92 -6.89 25.05
N ASP B 190 28.21 -6.58 26.14
CA ASP B 190 27.72 -7.63 27.03
C ASP B 190 26.41 -7.28 27.71
N LEU B 191 25.82 -8.26 28.38
CA LEU B 191 24.52 -8.07 29.00
C LEU B 191 24.48 -6.89 29.98
N ALA B 192 25.61 -6.61 30.62
CA ALA B 192 25.68 -5.55 31.61
C ALA B 192 25.75 -4.16 30.97
N SER B 193 26.42 -4.08 29.84
CA SER B 193 26.43 -2.87 29.03
C SER B 193 25.02 -2.60 28.50
N PHE B 194 24.37 -3.65 28.02
CA PHE B 194 22.99 -3.60 27.59
C PHE B 194 22.11 -2.99 28.68
N GLN B 195 22.16 -3.59 29.86
CA GLN B 195 21.40 -3.12 31.01
C GLN B 195 21.63 -1.64 31.31
N ARG B 196 22.89 -1.22 31.25
CA ARG B 196 23.23 0.19 31.52
C ARG B 196 22.71 1.12 30.42
N ALA B 197 22.85 0.70 29.18
CA ALA B 197 22.31 1.46 28.06
C ALA B 197 20.80 1.62 28.23
N LEU B 198 20.12 0.54 28.58
CA LEU B 198 18.69 0.62 28.90
C LEU B 198 18.44 1.67 29.98
N ASP B 199 19.26 1.65 31.03
CA ASP B 199 19.11 2.59 32.14
C ASP B 199 19.28 4.04 31.71
N HIS B 200 20.29 4.30 30.87
CA HIS B 200 20.53 5.65 30.37
C HIS B 200 19.37 6.21 29.52
N ILE B 201 18.88 5.44 28.56
CA ILE B 201 17.78 5.95 27.73
C ILE B 201 16.51 6.12 28.57
N THR B 202 16.36 5.28 29.60
CA THR B 202 15.20 5.32 30.46
C THR B 202 15.09 6.64 31.22
N THR B 203 16.20 7.39 31.30
CA THR B 203 16.18 8.70 31.93
C THR B 203 15.52 9.76 31.05
N LEU B 204 15.40 9.47 29.76
CA LEU B 204 14.77 10.39 28.81
C LEU B 204 13.24 10.25 28.82
N LEU B 205 12.74 9.19 29.46
CA LEU B 205 11.32 8.89 29.42
C LEU B 205 10.59 9.32 30.70
N ARG B 206 9.52 10.09 30.56
CA ARG B 206 8.76 10.49 31.74
C ARG B 206 8.19 9.25 32.41
N PRO B 207 7.93 9.33 33.72
CA PRO B 207 7.26 8.25 34.44
C PRO B 207 5.84 8.07 33.89
N GLY B 208 5.38 6.83 33.79
CA GLY B 208 4.11 6.57 33.16
C GLY B 208 4.25 6.49 31.64
N GLY B 209 5.40 6.95 31.14
CA GLY B 209 5.69 6.88 29.72
C GLY B 209 5.86 5.47 29.21
N HIS B 210 5.90 5.31 27.89
CA HIS B 210 5.99 3.99 27.28
C HIS B 210 7.24 3.82 26.45
N LEU B 211 7.76 2.61 26.46
CA LEU B 211 8.88 2.25 25.59
C LEU B 211 8.48 1.11 24.66
N LEU B 212 8.75 1.26 23.37
CA LEU B 212 8.56 0.17 22.43
C LEU B 212 9.93 -0.28 21.96
N LEU B 213 10.27 -1.52 22.28
CA LEU B 213 11.62 -2.01 22.04
C LEU B 213 11.60 -3.22 21.10
N ILE B 214 12.39 -3.16 20.05
CA ILE B 214 12.51 -4.24 19.09
C ILE B 214 13.99 -4.58 18.94
N GLY B 215 14.35 -5.86 18.93
CA GLY B 215 15.75 -6.21 18.77
C GLY B 215 16.01 -7.65 18.38
N ALA B 216 17.28 -7.95 18.10
CA ALA B 216 17.70 -9.29 17.70
C ALA B 216 17.80 -10.21 18.91
N LEU B 217 17.44 -11.48 18.72
CA LEU B 217 17.54 -12.49 19.76
C LEU B 217 18.63 -13.48 19.42
N GLU B 218 19.48 -13.74 20.41
CA GLU B 218 20.56 -14.73 20.28
C GLU B 218 21.41 -14.46 19.04
N GLU B 219 21.77 -13.19 18.86
CA GLU B 219 22.63 -12.80 17.75
C GLU B 219 23.99 -12.32 18.25
N SER B 220 25.04 -12.71 17.54
CA SER B 220 26.39 -12.33 17.93
C SER B 220 27.10 -11.45 16.90
N TRP B 221 26.60 -11.44 15.66
CA TRP B 221 27.15 -10.57 14.62
C TRP B 221 26.15 -10.28 13.50
N TYR B 222 26.33 -9.13 12.85
CA TYR B 222 25.66 -8.82 11.61
C TYR B 222 26.59 -7.99 10.75
N LEU B 223 26.30 -7.92 9.44
CA LEU B 223 27.16 -7.21 8.50
C LEU B 223 26.54 -5.90 8.04
N ALA B 224 27.38 -4.90 7.86
CA ALA B 224 26.93 -3.62 7.31
C ALA B 224 28.03 -3.10 6.38
N GLY B 225 28.25 -3.84 5.29
CA GLY B 225 29.32 -3.53 4.37
C GLY B 225 30.61 -4.22 4.78
N GLU B 226 31.70 -3.46 4.81
CA GLU B 226 32.98 -3.99 5.27
C GLU B 226 32.87 -4.38 6.74
N ALA B 227 32.12 -3.56 7.48
CA ALA B 227 31.95 -3.75 8.91
C ALA B 227 31.18 -5.02 9.26
N ARG B 228 31.84 -5.95 9.94
CA ARG B 228 31.16 -7.07 10.58
C ARG B 228 31.10 -6.79 12.08
N LEU B 229 29.91 -6.43 12.57
CA LEU B 229 29.77 -5.92 13.93
C LEU B 229 29.43 -6.95 14.98
N THR B 230 29.92 -6.74 16.19
CA THR B 230 29.70 -7.67 17.29
C THR B 230 28.49 -7.28 18.13
N VAL B 231 27.71 -8.28 18.52
CA VAL B 231 26.42 -8.08 19.16
C VAL B 231 26.34 -8.99 20.39
N VAL B 232 25.81 -8.47 21.49
CA VAL B 232 25.56 -9.32 22.65
C VAL B 232 24.30 -10.16 22.41
N PRO B 233 24.47 -11.49 22.38
CA PRO B 233 23.31 -12.37 22.21
C PRO B 233 22.45 -12.37 23.47
N VAL B 234 21.23 -11.86 23.37
CA VAL B 234 20.31 -11.84 24.50
C VAL B 234 19.11 -12.75 24.24
N SER B 235 18.49 -13.19 25.32
CA SER B 235 17.33 -14.05 25.25
C SER B 235 16.11 -13.23 25.64
N GLU B 236 14.92 -13.78 25.40
CA GLU B 236 13.69 -13.09 25.80
C GLU B 236 13.71 -12.83 27.31
N GLU B 237 14.01 -13.88 28.08
CA GLU B 237 14.15 -13.75 29.53
C GLU B 237 15.09 -12.61 29.92
N GLU B 238 16.30 -12.60 29.35
CA GLU B 238 17.27 -11.55 29.62
C GLU B 238 16.68 -10.16 29.34
N VAL B 239 16.02 -9.99 28.19
CA VAL B 239 15.35 -8.73 27.86
C VAL B 239 14.29 -8.38 28.90
N ARG B 240 13.52 -9.37 29.35
CA ARG B 240 12.46 -9.09 30.31
C ARG B 240 13.01 -8.61 31.65
N GLU B 241 14.05 -9.27 32.14
CA GLU B 241 14.65 -8.88 33.42
C GLU B 241 15.25 -7.47 33.32
N ALA B 242 15.98 -7.19 32.25
CA ALA B 242 16.55 -5.85 32.09
C ALA B 242 15.47 -4.75 32.18
N LEU B 243 14.31 -5.00 31.58
CA LEU B 243 13.21 -4.03 31.61
C LEU B 243 12.65 -3.86 33.02
N VAL B 244 12.38 -4.97 33.68
CA VAL B 244 11.98 -4.95 35.08
C VAL B 244 13.02 -4.21 35.90
N ARG B 245 14.29 -4.49 35.62
CA ARG B 245 15.39 -3.85 36.34
C ARG B 245 15.49 -2.33 36.12
N SER B 246 15.13 -1.87 34.93
CA SER B 246 15.18 -0.43 34.66
C SER B 246 13.93 0.27 35.14
N GLY B 247 12.98 -0.50 35.67
CA GLY B 247 11.79 0.07 36.28
C GLY B 247 10.57 0.14 35.36
N TYR B 248 10.42 -0.84 34.49
CA TYR B 248 9.27 -0.91 33.61
C TYR B 248 8.33 -2.01 34.04
N LYS B 249 7.04 -1.79 33.86
CA LYS B 249 6.12 -2.89 33.83
C LYS B 249 6.10 -3.36 32.38
N VAL B 250 6.17 -4.66 32.18
CA VAL B 250 6.14 -5.22 30.85
C VAL B 250 4.71 -5.52 30.46
N ARG B 251 4.19 -4.77 29.49
CA ARG B 251 2.82 -4.93 29.02
C ARG B 251 2.73 -6.06 28.01
N ASP B 252 3.73 -6.17 27.15
CA ASP B 252 3.72 -7.15 26.09
C ASP B 252 5.14 -7.46 25.65
N LEU B 253 5.43 -8.73 25.45
CA LEU B 253 6.73 -9.15 24.95
C LEU B 253 6.54 -10.36 24.02
N ARG B 254 6.86 -10.17 22.74
CA ARG B 254 6.62 -11.19 21.74
C ARG B 254 7.92 -11.61 21.07
N THR B 255 7.96 -12.85 20.59
CA THR B 255 9.13 -13.35 19.89
C THR B 255 8.76 -13.82 18.50
N TYR B 256 9.56 -13.43 17.51
CA TYR B 256 9.44 -13.92 16.15
C TYR B 256 10.61 -14.85 15.84
N ILE B 257 10.33 -16.09 15.51
CA ILE B 257 11.41 -17.03 15.19
C ILE B 257 11.78 -16.90 13.72
N MET B 258 13.04 -16.56 13.46
CA MET B 258 13.51 -16.32 12.10
C MET B 258 13.48 -17.59 11.27
N PRO B 259 12.62 -17.63 10.23
CA PRO B 259 12.53 -18.83 9.40
C PRO B 259 13.83 -19.13 8.67
N ALA B 260 14.04 -20.39 8.34
CA ALA B 260 15.32 -20.85 7.79
C ALA B 260 15.72 -20.07 6.54
N HIS B 261 14.74 -19.76 5.70
CA HIS B 261 15.01 -19.15 4.40
C HIS B 261 15.31 -17.66 4.50
N LEU B 262 15.05 -17.09 5.67
CA LEU B 262 15.37 -15.67 5.90
C LEU B 262 16.72 -15.53 6.58
N GLN B 263 17.39 -16.64 6.80
CA GLN B 263 18.73 -16.63 7.39
C GLN B 263 19.77 -16.60 6.27
N THR B 264 20.07 -15.39 5.81
CA THR B 264 20.79 -15.17 4.55
C THR B 264 22.30 -14.94 4.68
N GLY B 265 22.84 -15.08 5.88
CA GLY B 265 24.27 -14.88 6.07
C GLY B 265 24.66 -13.43 6.30
N VAL B 266 23.68 -12.56 6.45
CA VAL B 266 23.94 -11.17 6.81
C VAL B 266 24.08 -11.03 8.32
N ASP B 267 23.64 -12.07 9.04
CA ASP B 267 23.78 -12.13 10.50
C ASP B 267 23.61 -13.57 10.98
N ASP B 268 23.55 -13.76 12.28
CA ASP B 268 23.31 -15.09 12.85
C ASP B 268 22.14 -15.02 13.81
N VAL B 269 21.29 -14.04 13.58
CA VAL B 269 20.11 -13.80 14.39
C VAL B 269 19.21 -15.04 14.34
N LYS B 270 18.58 -15.37 15.46
CA LYS B 270 17.73 -16.55 15.53
C LYS B 270 16.27 -16.16 15.67
N GLY B 271 16.05 -14.94 16.14
CA GLY B 271 14.71 -14.44 16.35
C GLY B 271 14.71 -12.93 16.56
N VAL B 272 13.52 -12.36 16.63
CA VAL B 272 13.35 -10.94 16.89
C VAL B 272 12.36 -10.79 18.03
N PHE B 273 12.63 -9.87 18.95
CA PHE B 273 11.70 -9.64 20.04
C PHE B 273 11.08 -8.26 19.91
N PHE B 274 9.86 -8.15 20.41
CA PHE B 274 9.20 -6.88 20.53
C PHE B 274 8.64 -6.76 21.92
N ALA B 275 8.90 -5.63 22.56
CA ALA B 275 8.44 -5.40 23.92
C ALA B 275 7.73 -4.07 24.06
N TRP B 276 6.58 -4.10 24.71
CA TRP B 276 5.88 -2.90 25.10
C TRP B 276 6.00 -2.81 26.62
N ALA B 277 6.67 -1.76 27.09
CA ALA B 277 6.93 -1.59 28.51
C ALA B 277 6.62 -0.18 28.96
N GLN B 278 6.04 -0.05 30.14
CA GLN B 278 5.64 1.24 30.66
C GLN B 278 6.47 1.58 31.90
N LYS B 279 7.14 2.73 31.86
CA LYS B 279 7.97 3.17 32.97
C LYS B 279 7.10 3.47 34.19
N VAL B 280 7.47 2.90 35.33
CA VAL B 280 6.69 3.07 36.55
C VAL B 280 6.65 4.53 37.04
N GLY B 281 5.44 4.98 37.37
CA GLY B 281 5.20 6.37 37.76
C GLY B 281 5.44 6.60 39.24
#